data_4DGR
#
_entry.id   4DGR
#
_cell.length_a   180.969
_cell.length_b   180.969
_cell.length_c   180.969
_cell.angle_alpha   90.00
_cell.angle_beta   90.00
_cell.angle_gamma   90.00
#
_symmetry.space_group_name_H-M   'I 4 3 2'
#
loop_
_entity.id
_entity.type
_entity.pdbx_description
1 polymer Neuraminidase
2 branched alpha-D-mannopyranose-(1-2)-alpha-D-mannopyranose-(1-2)-alpha-D-mannopyranose-(1-3)-[alpha-D-mannopyranose-(1-3)-[alpha-D-mannopyranose-(1-6)]alpha-D-mannopyranose-(1-6)]beta-D-mannopyranose-(1-4)-2-acetamido-2-deoxy-beta-D-glucopyranose-(1-4)-2-acetamido-2-deoxy-beta-D-glucopyranose
3 branched 2-acetamido-2-deoxy-beta-D-glucopyranose-(1-4)-2-acetamido-2-deoxy-beta-D-glucopyranose
4 branched beta-D-mannopyranose-(1-4)-2-acetamido-2-deoxy-beta-D-glucopyranose-(1-4)-2-acetamido-2-deoxy-beta-D-glucopyranose
5 non-polymer beta-D-glucopyranose
6 non-polymer alpha-D-glucopyranose
7 non-polymer '4-[2,2-bis(hydroxymethyl)-5-oxopyrrolidin-1-yl]-3-[(dipropylamino)methyl]benzoic acid'
8 non-polymer 'PHOSPHATE ION'
9 non-polymer 'CALCIUM ION'
10 non-polymer 'POTASSIUM ION'
11 water water
#
_entity_poly.entity_id   1
_entity_poly.type   'polypeptide(L)'
_entity_poly.pdbx_seq_one_letter_code
;IRDFNNLTKGLCTINSWHIYGKDNAVRIGEDSDVLVTREPYVSCDPDECRFYALSQGTTIRGKHSNGTIHDRSQYRALIS
WPLSSPPTVYNSRVECIGWSSTSCHDGKTRMSICISGPNNNASAVIWYNRRPVTEINTWARNILRTQESECVCHNGVCPV
VFTDGSATGPAETRIYYFKEGKILKWEPLAGTAKHIEECSCYGERAEITCTCRDNWQGSNRPVIRIDPVAMTHTSQYICS
PVLTDNPRPNDPTVGKCNDPYPGNNNNGVKGFSYLDGVNTWLGRTISIASRSGYEMLKVPNALTDDKSKPTQGQTIVLNT
DWSGYSGSFMDYWAEGECYRACFYVELIRGRPKEDKVWWTSNSIVSMCSSTEFLGQWDWPDGAKIEYFL
;
_entity_poly.pdbx_strand_id   A
#
loop_
_chem_comp.id
_chem_comp.type
_chem_comp.name
_chem_comp.formula
3LV non-polymer '4-[2,2-bis(hydroxymethyl)-5-oxopyrrolidin-1-yl]-3-[(dipropylamino)methyl]benzoic acid' 'C20 H30 N2 O5'
BGC D-saccharide, beta linking beta-D-glucopyranose 'C6 H12 O6'
BMA D-saccharide, beta linking beta-D-mannopyranose 'C6 H12 O6'
CA non-polymer 'CALCIUM ION' 'Ca 2'
GLC D-saccharide, alpha linking alpha-D-glucopyranose 'C6 H12 O6'
K non-polymer 'POTASSIUM ION' 'K 1'
MAN D-saccharide, alpha linking alpha-D-mannopyranose 'C6 H12 O6'
NAG D-saccharide, beta linking 2-acetamido-2-deoxy-beta-D-glucopyranose 'C8 H15 N O6'
PO4 non-polymer 'PHOSPHATE ION' 'O4 P -3'
#
# COMPACT_ATOMS: atom_id res chain seq x y z
N ILE A 1 -6.97 -27.04 13.38
CA ILE A 1 -6.28 -26.60 14.58
C ILE A 1 -6.16 -25.07 14.60
N ARG A 2 -6.18 -24.43 13.43
CA ARG A 2 -6.14 -22.97 13.37
C ARG A 2 -7.55 -22.40 13.34
N ASP A 3 -7.76 -21.30 14.07
CA ASP A 3 -9.00 -20.53 14.00
C ASP A 3 -8.77 -19.26 13.23
N PHE A 4 -9.85 -18.68 12.71
CA PHE A 4 -9.75 -17.39 12.08
C PHE A 4 -9.27 -16.35 13.07
N ASN A 5 -8.42 -15.44 12.60
CA ASN A 5 -7.98 -14.35 13.44
C ASN A 5 -9.09 -13.32 13.65
N ASN A 6 -9.19 -12.84 14.88
CA ASN A 6 -10.09 -11.73 15.18
C ASN A 6 -9.31 -10.50 15.59
N LEU A 7 -9.78 -9.35 15.17
CA LEU A 7 -9.15 -8.07 15.49
C LEU A 7 -9.54 -7.63 16.90
N THR A 8 -8.93 -8.25 17.90
CA THR A 8 -9.36 -8.06 19.27
C THR A 8 -8.57 -6.99 20.01
N LYS A 9 -7.48 -6.52 19.41
CA LYS A 9 -6.59 -5.60 20.08
C LYS A 9 -6.66 -4.19 19.47
N GLY A 10 -6.24 -3.21 20.26
CA GLY A 10 -6.06 -1.86 19.77
C GLY A 10 -4.61 -1.65 19.31
N LEU A 11 -4.34 -0.49 18.73
CA LEU A 11 -2.97 -0.14 18.34
C LEU A 11 -2.12 0.15 19.56
N CYS A 12 -0.86 -0.29 19.51
CA CYS A 12 0.13 0.15 20.46
C CYS A 12 0.37 1.66 20.30
N THR A 13 0.84 2.28 21.37
CA THR A 13 1.20 3.68 21.32
C THR A 13 2.46 3.82 20.46
N ILE A 14 2.36 4.72 19.49
CA ILE A 14 3.42 4.96 18.52
C ILE A 14 4.21 6.18 18.94
N ASN A 15 5.41 5.98 19.47
CA ASN A 15 6.25 7.11 19.88
C ASN A 15 7.43 7.36 18.94
N SER A 16 7.70 6.36 18.08
CA SER A 16 8.67 6.51 17.01
C SER A 16 8.58 5.25 16.14
N TRP A 17 9.47 5.17 15.15
CA TRP A 17 9.48 4.06 14.21
C TRP A 17 10.88 3.47 14.19
N HIS A 18 10.95 2.13 14.16
CA HIS A 18 12.22 1.43 14.06
C HIS A 18 12.30 0.66 12.74
N ILE A 19 13.52 0.42 12.26
CA ILE A 19 13.73 -0.32 11.04
C ILE A 19 13.25 -1.77 11.23
N TYR A 20 12.45 -2.24 10.28
CA TYR A 20 11.89 -3.60 10.29
C TYR A 20 12.48 -4.45 9.17
N GLY A 21 12.51 -3.93 7.97
CA GLY A 21 13.04 -4.64 6.82
C GLY A 21 13.54 -3.70 5.75
N LYS A 22 14.45 -4.21 4.93
CA LYS A 22 15.00 -3.47 3.81
C LYS A 22 15.68 -4.48 2.91
N ASP A 23 15.40 -4.44 1.61
CA ASP A 23 15.97 -5.47 0.73
C ASP A 23 17.12 -5.04 -0.16
N ASN A 24 17.36 -3.74 -0.29
CA ASN A 24 18.49 -3.29 -1.12
C ASN A 24 18.45 -3.92 -2.51
N ALA A 25 17.25 -4.09 -3.06
CA ALA A 25 17.10 -4.92 -4.25
C ALA A 25 17.82 -4.36 -5.47
N VAL A 26 17.83 -3.05 -5.64
CA VAL A 26 18.42 -2.45 -6.83
C VAL A 26 19.95 -2.52 -6.75
N ARG A 27 20.52 -2.24 -5.57
CA ARG A 27 21.95 -2.44 -5.36
C ARG A 27 22.36 -3.86 -5.71
N ILE A 28 21.67 -4.81 -5.10
CA ILE A 28 22.04 -6.21 -5.26
C ILE A 28 21.83 -6.69 -6.70
N GLY A 29 20.71 -6.26 -7.30
CA GLY A 29 20.34 -6.64 -8.65
C GLY A 29 21.23 -6.10 -9.76
N GLU A 30 22.13 -5.17 -9.42
CA GLU A 30 23.13 -4.70 -10.38
C GLU A 30 24.04 -5.87 -10.83
N ASP A 31 24.13 -6.91 -10.00
CA ASP A 31 24.97 -8.06 -10.31
C ASP A 31 24.42 -9.35 -9.69
N SER A 32 23.12 -9.55 -9.79
CA SER A 32 22.50 -10.83 -9.43
C SER A 32 21.12 -10.84 -10.06
N ASP A 33 20.46 -11.98 -10.03
CA ASP A 33 19.28 -12.19 -10.86
C ASP A 33 18.00 -11.78 -10.13
N VAL A 34 17.87 -10.46 -9.98
CA VAL A 34 16.78 -9.82 -9.27
C VAL A 34 15.71 -9.37 -10.28
N LEU A 35 14.48 -9.73 -10.00
CA LEU A 35 13.35 -9.37 -10.84
C LEU A 35 13.05 -7.88 -10.73
N VAL A 36 12.71 -7.28 -11.86
CA VAL A 36 12.13 -5.94 -11.88
C VAL A 36 10.74 -6.00 -11.25
N THR A 37 10.45 -5.05 -10.38
CA THR A 37 9.14 -4.98 -9.71
C THR A 37 8.64 -3.53 -9.66
N ARG A 38 7.41 -3.38 -9.17
CA ARG A 38 6.89 -2.13 -8.60
C ARG A 38 5.66 -2.53 -7.79
N GLU A 39 5.06 -1.54 -7.12
CA GLU A 39 3.91 -1.75 -6.26
C GLU A 39 4.14 -2.85 -5.23
N PRO A 40 5.17 -2.68 -4.39
CA PRO A 40 5.45 -3.67 -3.36
C PRO A 40 4.56 -3.50 -2.13
N TYR A 41 4.58 -4.51 -1.27
CA TYR A 41 4.01 -4.40 0.06
C TYR A 41 4.53 -5.49 0.96
N VAL A 42 4.01 -5.56 2.19
CA VAL A 42 4.42 -6.55 3.17
C VAL A 42 3.15 -7.15 3.74
N SER A 43 3.17 -8.45 4.03
CA SER A 43 2.02 -9.09 4.64
C SER A 43 2.48 -10.29 5.45
N CYS A 44 1.84 -10.47 6.61
CA CYS A 44 2.19 -11.54 7.54
C CYS A 44 1.22 -12.72 7.51
N ASP A 45 1.80 -13.91 7.66
CA ASP A 45 1.09 -15.12 8.02
C ASP A 45 1.31 -15.32 9.52
N PRO A 46 0.64 -16.33 10.11
CA PRO A 46 0.85 -16.56 11.55
C PRO A 46 2.28 -16.94 11.95
N ASP A 47 3.07 -17.43 11.00
N ASP A 47 3.08 -17.39 10.99
CA ASP A 47 4.43 -17.88 11.31
CA ASP A 47 4.43 -17.90 11.28
C ASP A 47 5.54 -17.27 10.45
C ASP A 47 5.57 -17.16 10.57
N GLU A 48 5.23 -16.23 9.68
CA GLU A 48 6.22 -15.59 8.80
C GLU A 48 5.63 -14.29 8.25
N CYS A 49 6.47 -13.28 8.09
CA CYS A 49 6.09 -12.10 7.30
C CYS A 49 6.96 -12.08 6.03
N ARG A 50 6.36 -11.64 4.93
CA ARG A 50 7.03 -11.68 3.62
C ARG A 50 6.86 -10.36 2.87
N PHE A 51 7.80 -10.10 1.96
CA PHE A 51 7.67 -9.03 0.99
C PHE A 51 6.85 -9.53 -0.21
N TYR A 52 6.09 -8.61 -0.80
CA TYR A 52 5.21 -8.87 -1.95
C TYR A 52 5.45 -7.75 -2.97
N ALA A 53 5.24 -8.03 -4.25
CA ALA A 53 5.25 -6.99 -5.28
C ALA A 53 4.75 -7.53 -6.59
N LEU A 54 4.49 -6.63 -7.53
CA LEU A 54 4.19 -7.03 -8.90
C LEU A 54 5.48 -7.11 -9.71
N SER A 55 5.87 -8.34 -10.04
CA SER A 55 6.98 -8.55 -10.96
C SER A 55 6.64 -8.00 -12.33
N GLN A 56 7.68 -7.73 -13.11
CA GLN A 56 7.55 -7.39 -14.52
C GLN A 56 8.06 -8.52 -15.44
N GLY A 57 8.39 -9.67 -14.85
CA GLY A 57 8.74 -10.84 -15.66
C GLY A 57 10.03 -10.67 -16.45
N THR A 58 11.02 -10.07 -15.78
CA THR A 58 12.37 -9.89 -16.33
C THR A 58 13.26 -9.51 -15.17
N THR A 59 14.55 -9.78 -15.29
CA THR A 59 15.53 -9.23 -14.33
C THR A 59 15.85 -7.78 -14.72
N ILE A 60 16.49 -7.07 -13.80
CA ILE A 60 16.79 -5.67 -14.05
CA ILE A 60 16.84 -5.66 -14.01
C ILE A 60 17.93 -5.50 -15.07
N ARG A 61 18.92 -6.38 -15.00
CA ARG A 61 20.01 -6.35 -15.98
C ARG A 61 19.61 -6.96 -17.31
N GLY A 62 18.51 -7.70 -17.33
CA GLY A 62 18.05 -8.31 -18.55
C GLY A 62 17.60 -7.29 -19.57
N LYS A 63 17.74 -7.63 -20.85
CA LYS A 63 17.34 -6.75 -21.92
C LYS A 63 15.83 -6.46 -21.91
N HIS A 64 15.04 -7.39 -21.36
CA HIS A 64 13.59 -7.16 -21.27
C HIS A 64 13.22 -6.15 -20.19
N SER A 65 14.20 -5.63 -19.45
CA SER A 65 13.86 -4.56 -18.50
C SER A 65 13.49 -3.27 -19.24
N ASN A 66 13.87 -3.16 -20.51
CA ASN A 66 13.53 -2.00 -21.31
C ASN A 66 12.02 -1.97 -21.52
N GLY A 67 11.37 -0.92 -21.02
CA GLY A 67 9.93 -0.76 -21.19
C GLY A 67 9.13 -0.96 -19.91
N THR A 68 9.81 -1.28 -18.83
CA THR A 68 9.14 -1.58 -17.57
C THR A 68 8.60 -0.36 -16.84
N ILE A 69 8.73 0.84 -17.40
CA ILE A 69 7.92 1.94 -16.90
C ILE A 69 6.41 1.62 -17.03
N HIS A 70 6.04 0.79 -17.99
CA HIS A 70 4.64 0.48 -18.22
C HIS A 70 4.02 -0.37 -17.12
N ASP A 71 2.75 -0.10 -16.83
CA ASP A 71 2.09 -0.68 -15.66
C ASP A 71 1.41 -2.02 -15.89
N ARG A 72 0.91 -2.26 -17.10
CA ARG A 72 0.06 -3.43 -17.34
C ARG A 72 0.58 -4.20 -18.54
N SER A 73 0.93 -5.45 -18.30
CA SER A 73 1.32 -6.37 -19.35
C SER A 73 0.99 -7.76 -18.89
N GLN A 74 1.10 -8.68 -19.85
CA GLN A 74 0.88 -10.10 -19.60
C GLN A 74 2.02 -10.78 -18.86
N TYR A 75 3.08 -10.04 -18.54
CA TYR A 75 4.29 -10.61 -17.97
C TYR A 75 4.42 -10.27 -16.49
N ARG A 76 3.40 -9.64 -15.92
CA ARG A 76 3.36 -9.30 -14.51
C ARG A 76 2.67 -10.38 -13.68
N ALA A 77 3.09 -10.44 -12.42
CA ALA A 77 2.51 -11.40 -11.47
C ALA A 77 2.75 -10.88 -10.08
N LEU A 78 1.84 -11.24 -9.16
CA LEU A 78 2.09 -11.03 -7.74
C LEU A 78 3.08 -12.08 -7.27
N ILE A 79 4.20 -11.63 -6.75
CA ILE A 79 5.19 -12.51 -6.15
C ILE A 79 5.40 -12.18 -4.68
N SER A 80 5.82 -13.17 -3.91
CA SER A 80 6.27 -12.95 -2.55
C SER A 80 7.63 -13.61 -2.32
N TRP A 81 8.34 -13.11 -1.31
CA TRP A 81 9.67 -13.61 -1.04
C TRP A 81 10.05 -13.31 0.39
N PRO A 82 11.09 -13.97 0.89
CA PRO A 82 11.38 -13.82 2.33
C PRO A 82 11.76 -12.39 2.73
N LEU A 83 11.32 -12.03 3.93
CA LEU A 83 11.52 -10.70 4.47
C LEU A 83 12.96 -10.23 4.31
N SER A 84 13.11 -9.07 3.67
CA SER A 84 14.39 -8.40 3.48
C SER A 84 15.38 -9.03 2.52
N SER A 85 15.09 -10.20 1.96
CA SER A 85 15.84 -10.67 0.81
CA SER A 85 15.80 -10.69 0.80
C SER A 85 15.29 -9.89 -0.40
N PRO A 86 16.04 -9.90 -1.52
CA PRO A 86 15.51 -9.26 -2.73
C PRO A 86 14.60 -10.21 -3.49
N PRO A 87 13.78 -9.68 -4.38
CA PRO A 87 12.92 -10.55 -5.19
C PRO A 87 13.69 -11.16 -6.33
N THR A 88 14.23 -12.35 -6.11
CA THR A 88 15.06 -12.95 -7.16
C THR A 88 14.29 -14.00 -7.96
N VAL A 89 14.86 -14.36 -9.10
CA VAL A 89 14.27 -15.40 -9.93
C VAL A 89 14.10 -16.70 -9.16
N TYR A 90 15.04 -16.97 -8.25
CA TYR A 90 15.16 -18.26 -7.60
C TYR A 90 14.51 -18.37 -6.21
N ASN A 91 14.07 -17.25 -5.61
CA ASN A 91 13.50 -17.28 -4.26
C ASN A 91 12.11 -16.66 -4.23
N SER A 92 11.58 -16.30 -5.38
CA SER A 92 10.27 -15.64 -5.40
C SER A 92 9.16 -16.65 -5.69
N ARG A 93 8.09 -16.56 -4.92
CA ARG A 93 6.91 -17.43 -5.10
C ARG A 93 5.84 -16.67 -5.81
N VAL A 94 5.33 -17.21 -6.90
CA VAL A 94 4.25 -16.55 -7.62
C VAL A 94 2.91 -16.89 -6.96
N GLU A 95 2.20 -15.86 -6.53
CA GLU A 95 0.91 -16.03 -5.89
C GLU A 95 -0.26 -16.04 -6.87
N CYS A 96 -0.15 -15.26 -7.93
CA CYS A 96 -1.19 -15.22 -8.97
C CYS A 96 -0.68 -14.33 -10.11
N ILE A 97 -1.39 -14.34 -11.22
CA ILE A 97 -0.95 -13.62 -12.43
C ILE A 97 -1.79 -12.37 -12.67
N GLY A 98 -1.12 -11.24 -12.91
CA GLY A 98 -1.82 -10.01 -13.19
C GLY A 98 -1.03 -8.77 -12.83
N TRP A 99 -1.69 -7.63 -12.95
CA TRP A 99 -1.02 -6.33 -12.87
C TRP A 99 -1.63 -5.41 -11.81
N SER A 100 -2.45 -6.00 -10.93
CA SER A 100 -3.01 -5.32 -9.77
C SER A 100 -3.32 -6.39 -8.73
N SER A 101 -3.04 -6.13 -7.46
CA SER A 101 -3.20 -7.18 -6.46
C SER A 101 -3.51 -6.73 -5.05
N THR A 102 -3.94 -7.71 -4.27
CA THR A 102 -3.96 -7.61 -2.81
C THR A 102 -3.80 -9.03 -2.27
N SER A 103 -3.55 -9.14 -0.98
CA SER A 103 -3.35 -10.45 -0.35
C SER A 103 -3.45 -10.27 1.16
N CYS A 104 -3.97 -11.30 1.85
CA CYS A 104 -4.05 -11.28 3.32
C CYS A 104 -4.30 -12.68 3.84
N HIS A 105 -3.83 -12.93 5.06
CA HIS A 105 -4.04 -14.21 5.73
C HIS A 105 -5.18 -14.04 6.71
N ASP A 106 -6.07 -15.03 6.78
CA ASP A 106 -7.22 -14.94 7.67
C ASP A 106 -7.04 -15.66 9.00
N GLY A 107 -5.82 -16.16 9.23
CA GLY A 107 -5.53 -16.97 10.39
C GLY A 107 -5.46 -18.46 10.11
N LYS A 108 -6.22 -18.91 9.11
CA LYS A 108 -6.16 -20.30 8.66
C LYS A 108 -5.27 -20.43 7.42
N THR A 109 -5.53 -19.61 6.42
CA THR A 109 -4.72 -19.60 5.21
C THR A 109 -4.86 -18.24 4.52
N ARG A 110 -4.21 -18.11 3.36
CA ARG A 110 -4.05 -16.82 2.70
C ARG A 110 -4.95 -16.70 1.48
N MET A 111 -5.54 -15.51 1.33
CA MET A 111 -6.27 -15.12 0.12
C MET A 111 -5.38 -14.20 -0.68
N SER A 112 -5.25 -14.46 -1.97
CA SER A 112 -4.55 -13.54 -2.85
C SER A 112 -5.42 -13.22 -4.05
N ILE A 113 -5.37 -11.97 -4.49
CA ILE A 113 -6.20 -11.51 -5.61
C ILE A 113 -5.32 -10.83 -6.63
N CYS A 114 -5.46 -11.24 -7.88
CA CYS A 114 -4.75 -10.61 -8.99
C CYS A 114 -5.76 -10.29 -10.09
N ILE A 115 -5.59 -9.13 -10.70
CA ILE A 115 -6.42 -8.72 -11.82
C ILE A 115 -5.58 -8.70 -13.08
N SER A 116 -6.12 -9.20 -14.18
CA SER A 116 -5.42 -9.10 -15.47
C SER A 116 -6.41 -8.80 -16.56
N GLY A 117 -5.87 -8.50 -17.74
CA GLY A 117 -6.66 -8.31 -18.93
C GLY A 117 -6.34 -6.99 -19.62
N PRO A 118 -6.96 -6.79 -20.77
CA PRO A 118 -6.88 -5.48 -21.43
C PRO A 118 -7.73 -4.48 -20.63
N ASN A 119 -7.54 -3.21 -20.91
CA ASN A 119 -8.17 -2.16 -20.13
C ASN A 119 -9.69 -2.27 -20.08
N ASN A 120 -10.30 -2.70 -21.18
CA ASN A 120 -11.75 -2.78 -21.25
C ASN A 120 -12.32 -4.16 -20.95
N ASN A 121 -11.51 -5.07 -20.45
CA ASN A 121 -11.99 -6.45 -20.29
C ASN A 121 -11.22 -7.20 -19.23
N ALA A 122 -10.90 -6.51 -18.14
CA ALA A 122 -10.12 -7.11 -17.07
C ALA A 122 -10.99 -7.96 -16.10
N SER A 123 -10.34 -8.87 -15.39
CA SER A 123 -11.01 -9.72 -14.42
C SER A 123 -10.12 -10.01 -13.24
N ALA A 124 -10.75 -10.09 -12.07
CA ALA A 124 -10.09 -10.52 -10.85
C ALA A 124 -10.21 -12.03 -10.65
N VAL A 125 -9.13 -12.66 -10.22
CA VAL A 125 -9.14 -14.04 -9.74
C VAL A 125 -8.76 -14.04 -8.28
N ILE A 126 -9.64 -14.61 -7.47
CA ILE A 126 -9.46 -14.66 -6.03
C ILE A 126 -9.02 -16.08 -5.69
N TRP A 127 -7.81 -16.18 -5.15
CA TRP A 127 -7.19 -17.43 -4.78
C TRP A 127 -7.30 -17.57 -3.26
N TYR A 128 -7.50 -18.80 -2.80
CA TYR A 128 -7.57 -19.09 -1.37
C TYR A 128 -6.87 -20.42 -1.15
N ASN A 129 -5.93 -20.46 -0.20
CA ASN A 129 -5.16 -21.67 0.03
C ASN A 129 -4.49 -22.12 -1.27
N ARG A 130 -4.00 -21.12 -2.01
CA ARG A 130 -3.23 -21.31 -3.24
C ARG A 130 -3.99 -21.99 -4.36
N ARG A 131 -5.31 -21.82 -4.37
CA ARG A 131 -6.18 -22.32 -5.43
C ARG A 131 -7.15 -21.23 -5.85
N PRO A 132 -7.45 -21.15 -7.14
CA PRO A 132 -8.43 -20.16 -7.58
C PRO A 132 -9.83 -20.59 -7.13
N VAL A 133 -10.58 -19.66 -6.55
CA VAL A 133 -11.91 -19.98 -6.02
C VAL A 133 -13.04 -19.17 -6.67
N THR A 134 -12.80 -17.88 -6.91
CA THR A 134 -13.83 -17.00 -7.44
C THR A 134 -13.21 -16.08 -8.47
N GLU A 135 -13.98 -15.72 -9.50
CA GLU A 135 -13.58 -14.73 -10.47
C GLU A 135 -14.63 -13.63 -10.56
N ILE A 136 -14.17 -12.41 -10.84
CA ILE A 136 -15.05 -11.25 -10.95
C ILE A 136 -14.69 -10.48 -12.21
N ASN A 137 -15.66 -10.31 -13.11
CA ASN A 137 -15.44 -9.57 -14.34
C ASN A 137 -15.55 -8.07 -14.10
N THR A 138 -14.84 -7.32 -14.91
CA THR A 138 -14.95 -5.87 -14.92
C THR A 138 -16.41 -5.44 -14.99
N TRP A 139 -16.75 -4.43 -14.19
CA TRP A 139 -18.11 -3.89 -14.19
C TRP A 139 -18.21 -2.54 -14.91
N ALA A 140 -17.09 -1.86 -15.07
CA ALA A 140 -17.09 -0.53 -15.72
C ALA A 140 -16.20 -0.49 -16.97
N ARG A 141 -15.53 -1.61 -17.27
CA ARG A 141 -14.74 -1.74 -18.48
C ARG A 141 -13.62 -0.71 -18.61
N ASN A 142 -12.99 -0.42 -17.49
CA ASN A 142 -11.90 0.56 -17.50
C ASN A 142 -10.93 0.31 -16.36
N ILE A 143 -10.05 -0.66 -16.58
CA ILE A 143 -8.95 -1.00 -15.67
C ILE A 143 -9.45 -1.31 -14.27
N LEU A 144 -10.24 -2.37 -14.16
CA LEU A 144 -10.56 -2.95 -12.85
C LEU A 144 -9.25 -3.08 -12.06
N ARG A 145 -9.25 -2.66 -10.79
CA ARG A 145 -8.01 -2.51 -10.05
C ARG A 145 -8.26 -2.49 -8.54
N THR A 146 -7.23 -2.79 -7.76
CA THR A 146 -7.42 -2.94 -6.32
C THR A 146 -6.26 -2.32 -5.52
N GLN A 147 -6.02 -2.82 -4.31
CA GLN A 147 -5.34 -2.03 -3.28
C GLN A 147 -3.86 -1.81 -3.49
N GLU A 148 -3.16 -2.84 -3.97
CA GLU A 148 -1.69 -2.86 -4.03
C GLU A 148 -1.02 -2.86 -2.65
N SER A 149 -1.77 -3.23 -1.61
CA SER A 149 -1.17 -3.60 -0.34
C SER A 149 -2.12 -4.56 0.35
N GLU A 150 -1.78 -5.02 1.55
CA GLU A 150 -2.53 -6.13 2.12
C GLU A 150 -3.95 -5.75 2.50
N CYS A 151 -4.84 -6.74 2.39
CA CYS A 151 -6.17 -6.65 2.95
C CYS A 151 -6.09 -7.10 4.41
N VAL A 152 -7.23 -7.05 5.10
CA VAL A 152 -7.30 -7.41 6.52
C VAL A 152 -8.53 -8.26 6.75
N CYS A 153 -8.43 -9.25 7.63
CA CYS A 153 -9.53 -10.18 7.88
C CYS A 153 -9.97 -10.15 9.34
N HIS A 154 -11.24 -10.49 9.57
CA HIS A 154 -11.79 -10.59 10.91
C HIS A 154 -12.80 -11.72 10.92
N ASN A 155 -12.56 -12.72 11.75
CA ASN A 155 -13.40 -13.91 11.81
C ASN A 155 -13.70 -14.49 10.43
N GLY A 156 -12.68 -14.52 9.59
CA GLY A 156 -12.79 -15.11 8.27
C GLY A 156 -13.25 -14.18 7.17
N VAL A 157 -13.75 -13.00 7.55
CA VAL A 157 -14.25 -12.03 6.56
C VAL A 157 -13.13 -11.06 6.23
N CYS A 158 -12.78 -11.01 4.95
CA CYS A 158 -11.68 -10.18 4.45
C CYS A 158 -12.23 -9.20 3.42
N PRO A 159 -12.49 -7.94 3.83
CA PRO A 159 -12.96 -6.95 2.86
C PRO A 159 -11.84 -6.49 1.96
N VAL A 160 -12.20 -6.17 0.71
CA VAL A 160 -11.25 -5.69 -0.28
C VAL A 160 -11.89 -4.57 -1.06
N VAL A 161 -11.13 -3.50 -1.29
CA VAL A 161 -11.64 -2.34 -2.04
C VAL A 161 -11.12 -2.40 -3.47
N PHE A 162 -12.05 -2.31 -4.41
CA PHE A 162 -11.77 -2.29 -5.86
C PHE A 162 -12.32 -1.02 -6.49
N THR A 163 -11.69 -0.57 -7.56
CA THR A 163 -12.22 0.52 -8.37
C THR A 163 -12.21 0.09 -9.83
N ASP A 164 -13.22 0.51 -10.58
CA ASP A 164 -13.27 0.27 -12.02
C ASP A 164 -13.86 1.56 -12.60
N GLY A 165 -13.24 2.09 -13.64
CA GLY A 165 -13.66 3.36 -14.19
C GLY A 165 -12.51 4.33 -14.31
N SER A 166 -12.84 5.56 -14.65
CA SER A 166 -11.86 6.61 -14.85
C SER A 166 -11.01 6.88 -13.61
N ALA A 167 -9.74 7.20 -13.82
CA ALA A 167 -8.86 7.69 -12.75
C ALA A 167 -8.93 9.22 -12.64
N THR A 168 -9.67 9.85 -13.53
CA THR A 168 -9.68 11.33 -13.63
C THR A 168 -11.11 11.88 -13.59
N GLY A 169 -11.99 11.15 -12.90
CA GLY A 169 -13.38 11.54 -12.75
C GLY A 169 -14.06 10.52 -11.87
N PRO A 170 -15.38 10.62 -11.74
CA PRO A 170 -16.13 9.63 -10.97
C PRO A 170 -15.88 8.23 -11.49
N ALA A 171 -15.72 7.28 -10.58
CA ALA A 171 -15.52 5.90 -10.93
C ALA A 171 -16.44 5.03 -10.08
N GLU A 172 -16.42 3.73 -10.34
CA GLU A 172 -17.26 2.77 -9.62
C GLU A 172 -16.43 1.91 -8.67
N THR A 173 -16.38 2.36 -7.42
CA THR A 173 -15.67 1.65 -6.36
C THR A 173 -16.63 0.72 -5.63
N ARG A 174 -16.16 -0.47 -5.34
CA ARG A 174 -16.91 -1.48 -4.61
C ARG A 174 -16.07 -2.06 -3.47
N ILE A 175 -16.74 -2.37 -2.37
CA ILE A 175 -16.15 -3.15 -1.30
C ILE A 175 -16.75 -4.55 -1.34
N TYR A 176 -15.88 -5.53 -1.55
CA TYR A 176 -16.27 -6.93 -1.53
C TYR A 176 -15.88 -7.51 -0.20
N TYR A 177 -16.76 -8.33 0.34
CA TYR A 177 -16.49 -9.07 1.56
C TYR A 177 -16.32 -10.55 1.23
N PHE A 178 -15.09 -11.04 1.36
CA PHE A 178 -14.77 -12.41 1.03
C PHE A 178 -14.64 -13.28 2.28
N LYS A 179 -15.00 -14.55 2.16
CA LYS A 179 -14.66 -15.55 3.17
C LYS A 179 -14.34 -16.86 2.47
N GLU A 180 -13.16 -17.39 2.76
CA GLU A 180 -12.64 -18.58 2.08
C GLU A 180 -12.66 -18.38 0.58
N GLY A 181 -12.41 -17.15 0.16
CA GLY A 181 -12.32 -16.80 -1.26
C GLY A 181 -13.65 -16.64 -1.97
N LYS A 182 -14.75 -16.76 -1.24
CA LYS A 182 -16.09 -16.66 -1.79
C LYS A 182 -16.69 -15.32 -1.42
N ILE A 183 -17.55 -14.80 -2.28
CA ILE A 183 -18.18 -13.52 -2.05
C ILE A 183 -19.38 -13.70 -1.12
N LEU A 184 -19.30 -13.07 0.06
CA LEU A 184 -20.46 -13.01 0.94
C LEU A 184 -21.41 -11.86 0.58
N LYS A 185 -20.82 -10.74 0.15
CA LYS A 185 -21.56 -9.50 -0.06
C LYS A 185 -20.64 -8.54 -0.78
N TRP A 186 -21.21 -7.59 -1.52
CA TRP A 186 -20.46 -6.42 -1.93
C TRP A 186 -21.35 -5.19 -1.82
N GLU A 187 -20.73 -4.02 -1.73
CA GLU A 187 -21.44 -2.75 -1.63
C GLU A 187 -20.75 -1.74 -2.50
N PRO A 188 -21.50 -0.81 -3.10
CA PRO A 188 -20.86 0.35 -3.72
C PRO A 188 -20.36 1.32 -2.66
N LEU A 189 -19.32 2.06 -2.99
CA LEU A 189 -18.80 3.09 -2.11
C LEU A 189 -19.91 4.01 -1.66
N ALA A 190 -19.93 4.28 -0.35
CA ALA A 190 -20.84 5.24 0.25
C ALA A 190 -20.02 6.26 1.02
N GLY A 191 -20.69 7.27 1.57
CA GLY A 191 -20.02 8.32 2.29
C GLY A 191 -19.60 9.46 1.38
N THR A 192 -18.64 10.25 1.84
CA THR A 192 -18.32 11.52 1.19
C THR A 192 -17.01 11.52 0.40
N ALA A 193 -16.23 10.43 0.44
CA ALA A 193 -15.10 10.30 -0.46
C ALA A 193 -15.59 10.32 -1.91
N LYS A 194 -14.96 11.13 -2.75
CA LYS A 194 -15.45 11.33 -4.11
C LYS A 194 -14.74 10.48 -5.16
N HIS A 195 -13.58 9.94 -4.80
CA HIS A 195 -12.84 9.04 -5.68
C HIS A 195 -11.87 8.21 -4.83
N ILE A 196 -11.71 6.93 -5.18
CA ILE A 196 -10.92 5.99 -4.38
C ILE A 196 -9.97 5.18 -5.26
N GLU A 197 -8.71 5.15 -4.85
CA GLU A 197 -7.69 4.28 -5.45
C GLU A 197 -6.78 3.72 -4.37
N GLU A 198 -6.31 2.49 -4.60
CA GLU A 198 -5.11 1.98 -3.96
C GLU A 198 -5.15 2.09 -2.42
N CYS A 199 -6.20 1.54 -1.83
CA CYS A 199 -6.40 1.65 -0.39
C CYS A 199 -5.35 0.89 0.43
N SER A 200 -4.88 1.53 1.50
CA SER A 200 -3.93 0.95 2.44
C SER A 200 -4.66 0.75 3.76
N CYS A 201 -4.73 -0.49 4.23
CA CYS A 201 -5.64 -0.82 5.32
C CYS A 201 -4.97 -1.45 6.55
N TYR A 202 -5.61 -1.33 7.69
CA TYR A 202 -5.19 -2.00 8.93
C TYR A 202 -6.45 -2.21 9.77
N GLY A 203 -6.35 -3.14 10.72
CA GLY A 203 -7.46 -3.48 11.58
C GLY A 203 -7.13 -3.38 13.05
N GLU A 204 -8.14 -3.00 13.82
CA GLU A 204 -8.02 -2.96 15.27
C GLU A 204 -9.42 -2.90 15.85
N ARG A 205 -9.61 -3.56 16.98
CA ARG A 205 -10.89 -3.63 17.68
CA ARG A 205 -10.89 -3.49 17.68
C ARG A 205 -12.08 -3.71 16.72
N ALA A 206 -12.01 -4.77 15.91
CA ALA A 206 -13.12 -5.20 15.05
C ALA A 206 -13.55 -4.16 14.03
N GLU A 207 -12.61 -3.31 13.62
CA GLU A 207 -12.86 -2.34 12.57
C GLU A 207 -11.64 -2.29 11.65
N ILE A 208 -11.87 -2.07 10.36
CA ILE A 208 -10.79 -1.97 9.39
C ILE A 208 -10.79 -0.56 8.83
N THR A 209 -9.64 0.09 8.90
CA THR A 209 -9.48 1.48 8.41
C THR A 209 -8.58 1.48 7.20
N CYS A 210 -9.04 2.11 6.10
CA CYS A 210 -8.28 2.18 4.86
C CYS A 210 -8.05 3.64 4.50
N THR A 211 -6.82 3.98 4.14
CA THR A 211 -6.47 5.31 3.68
C THR A 211 -6.11 5.18 2.22
N CYS A 212 -6.73 5.98 1.36
CA CYS A 212 -6.68 5.74 -0.08
C CYS A 212 -6.12 6.96 -0.81
N ARG A 213 -6.25 6.94 -2.13
CA ARG A 213 -5.71 7.98 -3.00
C ARG A 213 -6.88 8.52 -3.82
N ASP A 214 -7.23 9.80 -3.65
CA ASP A 214 -8.20 10.45 -4.54
C ASP A 214 -7.42 10.99 -5.74
N ASN A 215 -7.36 10.22 -6.81
CA ASN A 215 -6.58 10.62 -7.96
C ASN A 215 -7.20 11.77 -8.74
N TRP A 216 -8.49 11.98 -8.54
CA TRP A 216 -9.22 12.93 -9.37
C TRP A 216 -8.97 14.37 -8.92
N GLN A 217 -9.46 14.74 -7.73
CA GLN A 217 -9.40 16.15 -7.31
C GLN A 217 -8.69 16.41 -5.98
N GLY A 218 -8.48 15.39 -5.16
CA GLY A 218 -8.13 15.61 -3.76
C GLY A 218 -6.65 15.44 -3.43
N SER A 219 -6.11 16.36 -2.64
CA SER A 219 -4.73 16.21 -2.18
C SER A 219 -4.72 15.85 -0.71
N ASN A 220 -5.89 15.92 -0.08
CA ASN A 220 -6.13 15.19 1.16
C ASN A 220 -6.48 13.76 0.76
N ARG A 221 -6.36 12.82 1.70
CA ARG A 221 -6.63 11.42 1.39
C ARG A 221 -7.99 10.97 1.87
N PRO A 222 -8.70 10.24 0.99
CA PRO A 222 -9.95 9.63 1.44
C PRO A 222 -9.71 8.48 2.42
N VAL A 223 -10.70 8.25 3.27
CA VAL A 223 -10.63 7.20 4.28
C VAL A 223 -11.91 6.41 4.24
N ILE A 224 -11.77 5.08 4.25
CA ILE A 224 -12.91 4.18 4.34
C ILE A 224 -12.78 3.39 5.63
N ARG A 225 -13.86 3.35 6.42
CA ARG A 225 -13.86 2.58 7.65
C ARG A 225 -14.91 1.49 7.50
N ILE A 226 -14.46 0.26 7.64
CA ILE A 226 -15.26 -0.93 7.35
C ILE A 226 -15.51 -1.73 8.62
N ASP A 227 -16.77 -2.06 8.87
CA ASP A 227 -17.15 -3.02 9.91
C ASP A 227 -17.28 -4.41 9.28
N PRO A 228 -16.32 -5.31 9.54
CA PRO A 228 -16.35 -6.61 8.86
C PRO A 228 -17.35 -7.60 9.44
N VAL A 229 -18.01 -7.24 10.53
CA VAL A 229 -19.06 -8.09 11.08
C VAL A 229 -20.40 -7.71 10.45
N ALA A 230 -20.74 -6.43 10.52
CA ALA A 230 -21.97 -5.96 9.87
C ALA A 230 -21.82 -5.93 8.36
N MET A 231 -20.59 -5.95 7.89
CA MET A 231 -20.25 -5.80 6.46
C MET A 231 -20.82 -4.52 5.88
N THR A 232 -20.49 -3.41 6.54
CA THR A 232 -20.89 -2.07 6.14
C THR A 232 -19.69 -1.16 6.25
N HIS A 233 -19.77 0.04 5.67
CA HIS A 233 -18.66 0.97 5.73
C HIS A 233 -19.13 2.42 5.68
N THR A 234 -18.20 3.31 5.97
CA THR A 234 -18.38 4.76 5.82
C THR A 234 -17.13 5.27 5.13
N SER A 235 -17.21 6.48 4.60
CA SER A 235 -16.03 7.15 4.04
C SER A 235 -16.10 8.65 4.25
N GLN A 236 -14.93 9.25 4.29
CA GLN A 236 -14.76 10.70 4.32
C GLN A 236 -13.34 10.99 3.85
N TYR A 237 -12.82 12.17 4.18
CA TYR A 237 -11.39 12.48 3.98
C TYR A 237 -10.74 12.69 5.34
N ILE A 238 -9.41 12.56 5.39
CA ILE A 238 -8.65 13.08 6.53
C ILE A 238 -8.91 14.59 6.60
N CYS A 239 -9.46 15.05 7.72
CA CYS A 239 -9.80 16.47 7.91
C CYS A 239 -8.59 17.39 7.98
N SER A 240 -7.46 16.86 8.45
CA SER A 240 -6.28 17.69 8.73
C SER A 240 -5.81 18.49 7.53
N PRO A 241 -5.29 19.71 7.77
CA PRO A 241 -4.63 20.51 6.74
C PRO A 241 -3.24 19.99 6.40
N VAL A 242 -2.77 18.93 7.09
CA VAL A 242 -1.50 18.33 6.73
C VAL A 242 -1.80 17.40 5.57
N LEU A 243 -1.60 17.91 4.35
CA LEU A 243 -2.00 17.17 3.16
C LEU A 243 -0.98 16.06 2.84
N THR A 244 -1.47 14.87 2.49
CA THR A 244 -0.55 13.73 2.36
C THR A 244 -0.55 12.98 1.04
N ASP A 245 -1.23 13.49 0.02
CA ASP A 245 -1.07 12.92 -1.32
C ASP A 245 0.16 13.57 -1.98
N ASN A 246 0.44 13.20 -3.22
CA ASN A 246 1.53 13.78 -3.99
C ASN A 246 1.26 13.58 -5.46
N PRO A 247 1.43 14.62 -6.28
CA PRO A 247 1.77 15.99 -5.91
C PRO A 247 0.60 16.63 -5.14
N ARG A 248 0.85 17.79 -4.55
CA ARG A 248 -0.14 18.45 -3.72
C ARG A 248 0.22 19.92 -3.62
N PRO A 249 -0.75 20.75 -3.25
CA PRO A 249 -0.39 22.14 -2.95
C PRO A 249 0.25 22.24 -1.57
N ASN A 250 0.71 23.43 -1.20
CA ASN A 250 1.27 23.62 0.13
C ASN A 250 0.19 23.48 1.20
N ASP A 251 0.60 23.15 2.43
CA ASP A 251 -0.37 22.91 3.50
C ASP A 251 -1.11 24.19 3.84
N PRO A 252 -2.45 24.12 3.92
CA PRO A 252 -3.23 25.25 4.44
C PRO A 252 -3.30 25.20 5.96
N THR A 253 -4.12 26.04 6.57
CA THR A 253 -4.32 25.95 8.02
C THR A 253 -5.61 25.25 8.38
N VAL A 254 -6.49 25.05 7.41
CA VAL A 254 -7.71 24.30 7.63
C VAL A 254 -7.92 23.36 6.44
N GLY A 255 -8.21 22.09 6.74
CA GLY A 255 -8.44 21.09 5.71
C GLY A 255 -9.91 20.92 5.35
N LYS A 256 -10.23 19.77 4.76
CA LYS A 256 -11.61 19.44 4.38
C LYS A 256 -11.92 18.01 4.77
N CYS A 257 -13.03 17.83 5.49
CA CYS A 257 -13.45 16.51 5.97
C CYS A 257 -14.26 15.70 4.96
N ASN A 258 -15.04 16.39 4.13
CA ASN A 258 -16.03 15.73 3.29
C ASN A 258 -15.97 16.08 1.82
N ASP A 259 -14.82 16.60 1.38
CA ASP A 259 -14.59 16.87 -0.02
C ASP A 259 -13.11 16.90 -0.29
N PRO A 260 -12.74 16.76 -1.57
CA PRO A 260 -11.33 16.83 -1.94
C PRO A 260 -10.77 18.22 -1.69
N TYR A 261 -9.58 18.29 -1.11
CA TYR A 261 -8.86 19.53 -0.99
C TYR A 261 -8.23 19.83 -2.36
N PRO A 262 -8.62 20.94 -2.99
CA PRO A 262 -8.28 21.19 -4.40
C PRO A 262 -6.89 21.79 -4.63
N GLY A 263 -6.49 21.85 -5.90
CA GLY A 263 -5.23 22.46 -6.28
C GLY A 263 -4.45 21.59 -7.26
N ASN A 264 -4.62 20.26 -7.15
CA ASN A 264 -3.96 19.32 -8.04
C ASN A 264 -4.97 18.29 -8.51
N ASN A 265 -5.00 18.06 -9.82
CA ASN A 265 -5.96 17.13 -10.41
C ASN A 265 -5.26 15.98 -11.10
N ASN A 266 -5.95 14.84 -11.18
CA ASN A 266 -5.54 13.74 -12.05
C ASN A 266 -4.14 13.20 -11.79
N ASN A 267 -3.82 13.04 -10.51
CA ASN A 267 -2.58 12.43 -10.09
C ASN A 267 -2.67 12.10 -8.62
N GLY A 268 -1.63 11.43 -8.13
CA GLY A 268 -1.59 11.02 -6.74
C GLY A 268 -0.50 10.00 -6.53
N VAL A 269 -0.48 9.42 -5.34
CA VAL A 269 0.42 8.32 -5.02
C VAL A 269 -0.26 7.49 -3.94
N LYS A 270 -0.07 6.18 -3.96
CA LYS A 270 -0.57 5.34 -2.88
C LYS A 270 0.13 5.72 -1.58
N GLY A 271 -0.63 5.86 -0.50
CA GLY A 271 -0.09 6.19 0.80
C GLY A 271 -0.94 5.60 1.92
N PHE A 272 -0.69 6.02 3.16
CA PHE A 272 -1.35 5.37 4.29
C PHE A 272 -1.36 6.29 5.51
N SER A 273 -2.15 5.92 6.51
CA SER A 273 -2.11 6.58 7.80
C SER A 273 -2.54 5.61 8.88
N TYR A 274 -2.28 5.98 10.13
CA TYR A 274 -2.86 5.27 11.28
C TYR A 274 -3.64 6.34 12.02
N LEU A 275 -4.95 6.11 12.17
CA LEU A 275 -5.87 7.12 12.66
C LEU A 275 -6.45 6.61 13.97
N ASP A 276 -5.94 7.13 15.07
CA ASP A 276 -6.20 6.56 16.39
C ASP A 276 -6.15 7.65 17.46
N GLY A 277 -6.95 8.72 17.26
CA GLY A 277 -7.03 9.79 18.24
C GLY A 277 -5.71 10.54 18.31
N VAL A 278 -5.21 10.72 19.54
CA VAL A 278 -3.95 11.43 19.69
C VAL A 278 -2.82 10.60 19.07
N ASN A 279 -2.98 9.27 19.05
CA ASN A 279 -2.00 8.33 18.50
C ASN A 279 -2.13 8.19 16.98
N THR A 280 -2.17 9.33 16.27
CA THR A 280 -2.38 9.37 14.84
C THR A 280 -1.11 9.80 14.12
N TRP A 281 -0.70 9.00 13.15
CA TRP A 281 0.49 9.30 12.38
C TRP A 281 0.18 9.20 10.89
N LEU A 282 0.60 10.22 10.16
CA LEU A 282 0.43 10.29 8.70
C LEU A 282 1.77 10.15 8.00
N GLY A 283 1.82 9.38 6.92
CA GLY A 283 2.99 9.40 6.07
C GLY A 283 2.79 10.32 4.86
N ARG A 284 3.88 10.91 4.39
CA ARG A 284 3.85 11.64 3.13
C ARG A 284 5.23 11.81 2.53
N THR A 285 5.26 12.09 1.23
CA THR A 285 6.50 12.52 0.60
C THR A 285 6.88 13.87 1.17
N ILE A 286 8.17 14.19 1.19
CA ILE A 286 8.59 15.53 1.60
C ILE A 286 8.28 16.56 0.50
N SER A 287 8.64 16.24 -0.75
CA SER A 287 8.34 17.12 -1.87
C SER A 287 6.84 17.23 -2.11
N ILE A 288 6.37 18.43 -2.42
CA ILE A 288 4.98 18.59 -2.82
C ILE A 288 4.80 18.35 -4.31
N ALA A 289 5.91 18.26 -5.04
CA ALA A 289 5.86 18.15 -6.50
C ALA A 289 6.14 16.75 -7.05
N SER A 290 6.95 15.98 -6.35
CA SER A 290 7.39 14.70 -6.89
CA SER A 290 7.46 14.73 -6.87
C SER A 290 7.56 13.67 -5.79
N ARG A 291 7.75 12.42 -6.21
CA ARG A 291 7.87 11.30 -5.28
C ARG A 291 9.28 11.22 -4.73
N SER A 292 9.61 12.19 -3.90
CA SER A 292 10.91 12.25 -3.26
C SER A 292 10.74 12.54 -1.79
N GLY A 293 11.60 11.93 -1.00
CA GLY A 293 11.53 12.01 0.44
C GLY A 293 10.34 11.25 1.02
N TYR A 294 10.41 11.03 2.33
CA TYR A 294 9.30 10.41 3.03
C TYR A 294 9.43 10.73 4.49
N GLU A 295 8.32 11.13 5.09
CA GLU A 295 8.30 11.45 6.50
C GLU A 295 7.02 10.96 7.14
N MET A 296 7.12 10.66 8.44
CA MET A 296 5.97 10.37 9.28
C MET A 296 5.74 11.56 10.17
N LEU A 297 4.48 11.97 10.31
CA LEU A 297 4.10 13.09 11.16
C LEU A 297 3.01 12.63 12.13
N LYS A 298 3.23 12.91 13.41
CA LYS A 298 2.22 12.70 14.43
C LYS A 298 1.28 13.90 14.37
N VAL A 299 0.03 13.65 14.03
CA VAL A 299 -0.96 14.69 13.85
C VAL A 299 -2.19 14.28 14.63
N PRO A 300 -2.22 14.62 15.92
CA PRO A 300 -3.33 14.18 16.76
C PRO A 300 -4.70 14.52 16.16
N ASN A 301 -5.58 13.52 16.13
CA ASN A 301 -6.95 13.67 15.62
C ASN A 301 -7.04 14.12 14.17
N ALA A 302 -6.06 13.76 13.36
CA ALA A 302 -6.07 14.16 11.95
C ALA A 302 -7.38 13.82 11.26
N LEU A 303 -7.95 12.66 11.58
CA LEU A 303 -9.16 12.23 10.90
C LEU A 303 -10.30 13.23 11.07
N THR A 304 -10.44 13.76 12.28
CA THR A 304 -11.64 14.50 12.64
C THR A 304 -11.43 16.00 12.92
N ASP A 305 -10.17 16.42 13.00
CA ASP A 305 -9.87 17.80 13.37
C ASP A 305 -9.30 18.56 12.17
N ASP A 306 -10.10 19.48 11.62
CA ASP A 306 -9.74 20.14 10.37
C ASP A 306 -8.69 21.25 10.52
N LYS A 307 -8.17 21.43 11.73
CA LYS A 307 -7.05 22.35 11.94
C LYS A 307 -5.84 21.66 12.58
N SER A 308 -5.85 20.34 12.66
CA SER A 308 -4.80 19.58 13.35
C SER A 308 -3.46 19.68 12.63
N LYS A 309 -2.42 19.99 13.41
CA LYS A 309 -1.07 20.10 12.88
C LYS A 309 -0.13 19.13 13.63
N PRO A 310 1.10 18.97 13.11
CA PRO A 310 1.97 17.96 13.69
C PRO A 310 2.49 18.32 15.08
N THR A 311 2.66 17.32 15.93
CA THR A 311 3.27 17.50 17.24
C THR A 311 4.60 16.74 17.40
N GLN A 312 4.94 15.93 16.40
CA GLN A 312 6.15 15.12 16.43
C GLN A 312 6.34 14.59 15.01
N GLY A 313 7.53 14.14 14.68
CA GLY A 313 7.72 13.52 13.38
C GLY A 313 8.96 12.66 13.30
N GLN A 314 9.12 11.99 12.15
CA GLN A 314 10.32 11.22 11.88
C GLN A 314 10.59 11.21 10.38
N THR A 315 11.80 11.56 9.98
CA THR A 315 12.18 11.48 8.57
C THR A 315 12.57 10.05 8.28
N ILE A 316 12.01 9.53 7.19
CA ILE A 316 12.29 8.15 6.78
C ILE A 316 13.23 8.12 5.58
N VAL A 317 13.01 9.02 4.62
CA VAL A 317 13.82 9.09 3.39
C VAL A 317 14.03 10.58 3.11
N LEU A 318 15.28 10.97 2.86
CA LEU A 318 15.62 12.37 2.64
C LEU A 318 15.00 12.81 1.31
N ASN A 319 14.76 14.11 1.19
CA ASN A 319 14.15 14.65 -0.01
C ASN A 319 15.07 14.59 -1.21
N THR A 320 16.34 14.25 -0.97
CA THR A 320 17.29 14.09 -2.05
C THR A 320 17.32 12.63 -2.55
N ASP A 321 16.40 11.81 -2.06
CA ASP A 321 16.27 10.43 -2.50
C ASP A 321 14.84 10.14 -2.96
N TRP A 322 14.70 9.22 -3.90
CA TRP A 322 13.40 8.88 -4.45
C TRP A 322 12.61 7.97 -3.52
N SER A 323 11.31 8.25 -3.41
CA SER A 323 10.41 7.36 -2.69
C SER A 323 9.40 6.77 -3.68
N GLY A 324 8.12 6.73 -3.33
CA GLY A 324 7.17 5.99 -4.13
C GLY A 324 5.93 5.66 -3.32
N TYR A 325 5.27 4.57 -3.68
CA TYR A 325 4.10 4.09 -2.98
C TYR A 325 4.44 3.78 -1.53
N SER A 326 3.45 3.86 -0.66
CA SER A 326 3.61 3.41 0.71
C SER A 326 2.30 2.84 1.21
N GLY A 327 2.38 1.95 2.18
CA GLY A 327 1.22 1.21 2.65
C GLY A 327 1.42 0.66 4.05
N SER A 328 0.30 0.25 4.63
CA SER A 328 0.26 -0.28 5.98
C SER A 328 0.15 -1.81 6.02
N PHE A 329 0.69 -2.38 7.09
CA PHE A 329 0.47 -3.78 7.44
C PHE A 329 0.78 -3.90 8.93
N MET A 330 0.28 -4.97 9.55
CA MET A 330 0.70 -5.33 10.90
C MET A 330 0.83 -6.83 11.03
N ASP A 331 1.62 -7.24 12.02
CA ASP A 331 1.70 -8.65 12.36
C ASP A 331 0.62 -8.95 13.41
N TYR A 332 -0.55 -9.36 12.91
CA TYR A 332 -1.69 -9.66 13.77
C TYR A 332 -1.45 -10.87 14.67
N TRP A 333 -0.37 -11.59 14.45
CA TRP A 333 -0.05 -12.80 15.21
C TRP A 333 1.11 -12.64 16.21
N ALA A 334 1.56 -11.40 16.40
CA ALA A 334 2.64 -11.10 17.33
C ALA A 334 2.15 -11.27 18.76
N GLU A 335 3.09 -11.34 19.68
CA GLU A 335 2.78 -11.39 21.09
C GLU A 335 2.42 -10.01 21.63
N GLY A 336 1.64 -9.98 22.71
CA GLY A 336 1.38 -8.73 23.39
C GLY A 336 -0.07 -8.31 23.34
N GLU A 337 -0.37 -7.22 24.02
CA GLU A 337 -1.75 -6.81 24.20
C GLU A 337 -2.23 -5.84 23.13
N CYS A 338 -1.33 -5.41 22.25
CA CYS A 338 -1.68 -4.43 21.24
C CYS A 338 -1.02 -4.78 19.91
N TYR A 339 -1.59 -4.26 18.82
CA TYR A 339 -1.01 -4.43 17.49
C TYR A 339 -0.04 -3.28 17.18
N ARG A 340 1.17 -3.64 16.73
N ARG A 340 1.16 -3.63 16.73
CA ARG A 340 2.22 -2.68 16.37
CA ARG A 340 2.14 -2.62 16.38
C ARG A 340 2.06 -2.22 14.91
C ARG A 340 2.03 -2.22 14.92
N ALA A 341 1.76 -0.93 14.72
CA ALA A 341 1.64 -0.37 13.39
C ALA A 341 2.93 -0.55 12.62
N CYS A 342 2.82 -0.97 11.36
CA CYS A 342 3.97 -0.98 10.45
C CYS A 342 3.62 -0.35 9.10
N PHE A 343 4.65 -0.01 8.34
CA PHE A 343 4.46 0.44 6.98
C PHE A 343 5.68 0.11 6.13
N TYR A 344 5.51 0.23 4.82
CA TYR A 344 6.62 0.14 3.88
C TYR A 344 6.61 1.39 3.00
N VAL A 345 7.77 1.68 2.43
CA VAL A 345 7.92 2.69 1.38
C VAL A 345 8.63 2.02 0.21
N GLU A 346 8.03 2.16 -0.97
CA GLU A 346 8.60 1.77 -2.24
C GLU A 346 9.60 2.83 -2.67
N LEU A 347 10.83 2.43 -2.93
CA LEU A 347 11.87 3.38 -3.34
C LEU A 347 12.10 3.17 -4.82
N ILE A 348 11.45 3.99 -5.64
CA ILE A 348 11.44 3.80 -7.08
C ILE A 348 12.74 4.31 -7.70
N ARG A 349 13.30 3.48 -8.57
CA ARG A 349 14.49 3.86 -9.29
C ARG A 349 14.26 3.68 -10.78
N GLY A 350 14.98 4.46 -11.58
CA GLY A 350 14.81 4.43 -13.02
C GLY A 350 13.76 5.40 -13.51
N ARG A 351 13.04 5.01 -14.55
CA ARG A 351 12.16 5.95 -15.23
C ARG A 351 10.90 6.24 -14.39
N PRO A 352 10.34 7.44 -14.55
CA PRO A 352 10.75 8.49 -15.48
C PRO A 352 11.83 9.45 -14.93
N LYS A 353 12.11 9.42 -13.64
CA LYS A 353 12.96 10.47 -13.07
C LYS A 353 14.43 10.27 -13.39
N GLU A 354 14.82 9.01 -13.58
CA GLU A 354 16.19 8.66 -13.91
C GLU A 354 16.19 7.98 -15.27
N ASP A 355 16.19 8.79 -16.33
CA ASP A 355 15.90 8.26 -17.64
C ASP A 355 17.13 7.87 -18.45
N LYS A 356 18.29 7.83 -17.81
CA LYS A 356 19.47 7.30 -18.48
C LYS A 356 19.46 5.76 -18.54
N VAL A 357 18.62 5.14 -17.70
CA VAL A 357 18.35 3.72 -17.85
C VAL A 357 17.01 3.56 -18.53
N TRP A 358 16.75 2.37 -19.08
CA TRP A 358 15.51 2.12 -19.80
C TRP A 358 14.42 1.42 -18.97
N TRP A 359 14.73 1.15 -17.71
CA TRP A 359 13.86 0.39 -16.84
C TRP A 359 13.31 1.26 -15.72
N THR A 360 12.30 0.71 -15.06
CA THR A 360 11.78 1.22 -13.79
C THR A 360 11.70 0.05 -12.83
N SER A 361 12.23 0.21 -11.63
CA SER A 361 12.06 -0.80 -10.60
C SER A 361 12.03 -0.11 -9.25
N ASN A 362 12.22 -0.86 -8.17
CA ASN A 362 12.19 -0.29 -6.85
C ASN A 362 12.92 -1.21 -5.88
N SER A 363 13.22 -0.68 -4.70
CA SER A 363 13.48 -1.53 -3.54
C SER A 363 12.47 -1.19 -2.44
N ILE A 364 12.60 -1.84 -1.31
CA ILE A 364 11.66 -1.70 -0.20
C ILE A 364 12.40 -1.31 1.06
N VAL A 365 11.82 -0.37 1.80
CA VAL A 365 12.17 -0.19 3.21
C VAL A 365 10.88 -0.26 4.03
N SER A 366 10.98 -0.79 5.25
CA SER A 366 9.80 -1.03 6.10
C SER A 366 10.16 -0.75 7.54
N MET A 367 9.24 -0.12 8.26
CA MET A 367 9.40 0.26 9.67
CA MET A 367 9.43 0.19 9.67
C MET A 367 8.19 -0.17 10.47
N CYS A 368 8.37 -0.38 11.77
CA CYS A 368 7.28 -0.64 12.70
C CYS A 368 7.39 0.30 13.88
N SER A 369 6.31 0.45 14.64
CA SER A 369 6.29 1.40 15.73
C SER A 369 7.01 0.89 16.96
N SER A 370 7.48 1.84 17.75
CA SER A 370 8.09 1.58 19.06
C SER A 370 7.41 2.47 20.08
N THR A 371 7.28 1.99 21.31
CA THR A 371 6.89 2.88 22.42
C THR A 371 8.06 3.73 22.95
N GLU A 372 9.29 3.43 22.53
CA GLU A 372 10.43 4.29 22.83
C GLU A 372 10.43 5.48 21.88
N PHE A 373 11.19 6.52 22.23
CA PHE A 373 11.47 7.64 21.34
C PHE A 373 12.87 7.45 20.73
N LEU A 374 12.91 6.67 19.66
CA LEU A 374 14.17 6.28 19.05
C LEU A 374 14.76 7.34 18.11
N GLY A 375 16.09 7.38 18.05
CA GLY A 375 16.77 8.21 17.07
C GLY A 375 16.42 7.83 15.64
N GLN A 376 16.50 8.78 14.73
CA GLN A 376 16.14 8.55 13.34
C GLN A 376 17.33 8.49 12.39
N TRP A 377 17.24 7.61 11.40
CA TRP A 377 18.16 7.58 10.27
C TRP A 377 17.31 7.72 9.02
N ASP A 378 17.94 8.01 7.89
CA ASP A 378 17.22 7.99 6.62
C ASP A 378 17.64 6.72 5.89
N TRP A 379 16.74 6.24 5.04
CA TRP A 379 16.88 4.92 4.44
C TRP A 379 16.69 4.97 2.93
N PRO A 380 17.74 5.37 2.21
CA PRO A 380 17.68 5.44 0.75
C PRO A 380 17.74 4.07 0.09
N ASP A 381 17.34 4.01 -1.18
CA ASP A 381 17.53 2.80 -1.96
C ASP A 381 18.99 2.36 -1.95
N GLY A 382 19.90 3.30 -2.20
CA GLY A 382 21.33 3.03 -2.10
C GLY A 382 22.04 2.64 -3.37
N ALA A 383 21.32 2.45 -4.47
CA ALA A 383 21.98 2.11 -5.74
C ALA A 383 22.51 3.35 -6.45
N LYS A 384 23.62 3.16 -7.16
CA LYS A 384 24.19 4.20 -8.01
CA LYS A 384 24.19 4.21 -8.01
C LYS A 384 23.78 3.93 -9.45
N ILE A 385 22.92 4.80 -10.00
CA ILE A 385 22.38 4.60 -11.35
C ILE A 385 23.47 4.48 -12.41
N GLU A 386 24.55 5.24 -12.23
CA GLU A 386 25.63 5.26 -13.21
C GLU A 386 26.21 3.84 -13.43
N TYR A 387 26.16 2.99 -12.41
CA TYR A 387 26.65 1.62 -12.54
C TYR A 387 25.88 0.78 -13.56
N PHE A 388 24.65 1.18 -13.83
CA PHE A 388 23.78 0.46 -14.77
C PHE A 388 23.94 0.95 -16.21
N LEU A 389 24.83 1.91 -16.43
CA LEU A 389 25.01 2.47 -17.77
C LEU A 389 26.11 1.79 -18.54
C1 NAG B . -14.42 -8.97 -23.88
C2 NAG B . -14.52 -8.68 -25.38
C3 NAG B . -15.62 -9.53 -26.03
C4 NAG B . -15.44 -10.99 -25.63
C5 NAG B . -15.38 -11.10 -24.11
C6 NAG B . -15.26 -12.55 -23.62
C7 NAG B . -14.06 -6.47 -26.31
C8 NAG B . -14.55 -5.05 -26.41
N2 NAG B . -14.82 -7.26 -25.57
O3 NAG B . -15.61 -9.37 -27.43
O4 NAG B . -16.54 -11.73 -26.11
O5 NAG B . -14.26 -10.36 -23.67
O6 NAG B . -14.15 -13.20 -24.19
O7 NAG B . -13.03 -6.82 -26.89
H2 NAG B . -13.57 -8.90 -25.85
H3 NAG B . -16.58 -9.22 -25.62
H4 NAG B . -14.53 -11.36 -26.10
H5 NAG B . -16.28 -10.67 -23.70
H61 NAG B . -16.18 -13.09 -23.87
H62 NAG B . -15.17 -12.55 -22.53
H81 NAG B . -14.75 -4.82 -27.46
H82 NAG B . -13.80 -4.38 -26.02
H83 NAG B . -15.47 -4.95 -25.85
HN2 NAG B . -15.64 -6.88 -25.11
HO3 NAG B . -14.91 -8.74 -27.69
HO6 NAG B . -13.69 -12.59 -24.79
C1 NAG B . -16.16 -12.92 -26.83
C2 NAG B . -17.34 -13.92 -26.82
C3 NAG B . -16.86 -15.15 -27.56
C4 NAG B . -16.43 -14.77 -28.98
C5 NAG B . -15.41 -13.63 -28.93
C6 NAG B . -15.04 -13.13 -30.33
C7 NAG B . -18.78 -13.79 -24.85
C8 NAG B . -19.07 -14.34 -23.49
N2 NAG B . -17.70 -14.27 -25.47
O3 NAG B . -17.82 -16.19 -27.55
O4 NAG B . -15.88 -15.89 -29.64
O5 NAG B . -15.91 -12.54 -28.17
O6 NAG B . -16.16 -12.55 -30.95
O7 NAG B . -19.53 -12.94 -25.33
H2 NAG B . -18.19 -13.45 -27.30
H3 NAG B . -15.93 -15.50 -27.09
H4 NAG B . -17.31 -14.43 -29.52
H5 NAG B . -14.50 -14.00 -28.45
H61 NAG B . -14.66 -13.96 -30.92
H62 NAG B . -14.23 -12.39 -30.25
H81 NAG B . -20.05 -14.83 -23.49
H82 NAG B . -19.07 -13.53 -22.76
H83 NAG B . -18.31 -15.07 -23.23
HN2 NAG B . -17.11 -14.91 -24.97
HO3 NAG B . -18.61 -15.90 -27.06
HO6 NAG B . -16.92 -12.59 -30.34
C1 BMA B . -16.46 -16.21 -30.90
C2 BMA B . -15.50 -17.11 -31.68
C3 BMA B . -16.16 -17.64 -32.93
C4 BMA B . -17.49 -18.28 -32.61
C5 BMA B . -18.37 -17.33 -31.81
C6 BMA B . -19.66 -18.02 -31.41
O2 BMA B . -15.11 -18.20 -30.86
O3 BMA B . -15.26 -18.61 -33.49
O4 BMA B . -18.14 -18.61 -33.84
O5 BMA B . -17.67 -16.90 -30.62
O6 BMA B . -20.64 -17.08 -30.98
H2 BMA B . -14.62 -16.52 -31.96
H3 BMA B . -16.30 -16.81 -33.64
H4 BMA B . -17.32 -19.19 -32.02
H5 BMA B . -18.62 -16.46 -32.44
H61 BMA B . -19.45 -18.74 -30.62
H62 BMA B . -20.04 -18.58 -32.26
HO2 BMA B . -14.70 -17.86 -30.05
HO4 BMA B . -17.58 -19.21 -34.35
C1 MAN B . -15.17 -18.49 -34.83
C2 MAN B . -14.37 -19.68 -35.30
C3 MAN B . -12.92 -19.56 -34.77
C4 MAN B . -12.32 -18.29 -35.34
C5 MAN B . -13.20 -17.16 -34.84
C6 MAN B . -12.61 -15.82 -35.30
O2 MAN B . -14.41 -19.57 -36.72
O3 MAN B . -12.13 -20.67 -35.09
O4 MAN B . -10.97 -18.14 -34.97
O5 MAN B . -14.52 -17.34 -35.33
O6 MAN B . -13.33 -14.74 -34.73
H2 MAN B . -14.88 -20.59 -34.99
H3 MAN B . -12.98 -19.46 -33.68
H4 MAN B . -12.40 -18.35 -36.44
H5 MAN B . -13.19 -17.17 -33.75
H61 MAN B . -12.67 -15.76 -36.39
H62 MAN B . -11.57 -15.76 -35.02
HO3 MAN B . -12.66 -21.30 -35.62
HO4 MAN B . -10.70 -18.89 -34.41
HO6 MAN B . -14.05 -15.08 -34.15
C1 MAN B . -13.88 -20.60 -37.49
C2 MAN B . -14.01 -20.18 -38.94
C3 MAN B . -15.46 -20.27 -39.37
C4 MAN B . -15.97 -21.67 -39.08
C5 MAN B . -15.72 -22.05 -37.62
C6 MAN B . -16.19 -23.46 -37.29
O2 MAN B . -13.24 -21.03 -39.75
O3 MAN B . -15.53 -19.99 -40.75
O4 MAN B . -17.37 -21.73 -39.36
O5 MAN B . -14.33 -21.93 -37.34
O6 MAN B . -15.76 -24.44 -38.21
H2 MAN B . -13.65 -19.16 -39.03
H3 MAN B . -16.03 -19.52 -38.82
H4 MAN B . -15.44 -22.37 -39.72
H5 MAN B . -16.25 -21.35 -36.98
H61 MAN B . -17.27 -23.48 -37.30
H62 MAN B . -15.85 -23.73 -36.29
HO3 MAN B . -14.64 -19.81 -41.09
HO4 MAN B . -17.67 -20.85 -39.68
HO6 MAN B . -15.22 -24.02 -38.91
C1 MAN B . -11.99 -20.50 -40.30
C2 MAN B . -11.50 -21.52 -41.31
C3 MAN B . -11.05 -22.80 -40.60
C4 MAN B . -9.98 -22.43 -39.59
C5 MAN B . -10.56 -21.41 -38.60
C6 MAN B . -9.54 -20.99 -37.55
O2 MAN B . -10.46 -20.95 -42.11
O3 MAN B . -10.54 -23.72 -41.53
O4 MAN B . -9.55 -23.58 -38.89
O5 MAN B . -11.02 -20.26 -39.29
O6 MAN B . -8.51 -20.21 -38.13
H2 MAN B . -12.33 -21.80 -41.96
H3 MAN B . -11.91 -23.22 -40.09
H4 MAN B . -9.13 -21.99 -40.11
H5 MAN B . -11.41 -21.87 -38.10
H61 MAN B . -9.11 -21.87 -37.08
H62 MAN B . -10.04 -20.41 -36.78
HO2 MAN B . -10.30 -20.02 -41.80
HO3 MAN B . -10.59 -23.34 -42.44
HO4 MAN B . -10.04 -24.36 -39.22
HO6 MAN B . -8.67 -20.11 -39.08
C1 MAN B . -21.39 -16.58 -32.09
C2 MAN B . -22.25 -15.45 -31.54
C3 MAN B . -23.30 -16.00 -30.56
C4 MAN B . -24.06 -17.13 -31.24
C5 MAN B . -23.07 -18.18 -31.70
C6 MAN B . -23.80 -19.34 -32.36
O2 MAN B . -22.91 -14.80 -32.61
O3 MAN B . -24.17 -14.97 -30.18
O4 MAN B . -25.00 -17.69 -30.34
O5 MAN B . -22.21 -17.60 -32.63
O6 MAN B . -24.67 -18.86 -33.37
H2 MAN B . -21.61 -14.74 -31.03
H3 MAN B . -22.77 -16.38 -29.68
H4 MAN B . -24.59 -16.71 -32.10
H5 MAN B . -22.54 -18.55 -30.84
H61 MAN B . -24.37 -19.89 -31.60
H62 MAN B . -23.08 -20.03 -32.80
HO2 MAN B . -22.66 -15.23 -33.46
HO4 MAN B . -24.94 -17.23 -29.48
C1 MAN B . -24.07 -14.71 -28.76
C2 MAN B . -25.30 -13.84 -28.47
C3 MAN B . -25.12 -12.47 -29.10
C4 MAN B . -23.78 -11.86 -28.73
C5 MAN B . -22.65 -12.84 -29.01
C6 MAN B . -21.31 -12.30 -28.50
O2 MAN B . -25.46 -13.70 -27.07
O3 MAN B . -26.17 -11.63 -28.65
O4 MAN B . -23.56 -10.68 -29.49
O5 MAN B . -22.92 -14.04 -28.32
O6 MAN B . -20.23 -12.95 -29.12
H2 MAN B . -26.18 -14.33 -28.89
H3 MAN B . -25.18 -12.59 -30.18
H4 MAN B . -23.79 -11.60 -27.67
H5 MAN B . -22.57 -12.99 -30.08
H61 MAN B . -21.24 -12.43 -27.42
H62 MAN B . -21.26 -11.22 -28.70
HO2 MAN B . -24.75 -14.19 -26.60
HO3 MAN B . -26.75 -12.14 -28.05
HO4 MAN B . -24.33 -10.52 -30.07
HO6 MAN B . -20.58 -13.62 -29.75
C1 MAN B . -25.29 -19.78 -34.30
C2 MAN B . -26.22 -19.02 -35.23
C3 MAN B . -27.21 -18.23 -34.39
C4 MAN B . -27.95 -19.15 -33.42
C5 MAN B . -26.96 -20.01 -32.63
C6 MAN B . -27.71 -21.05 -31.81
O2 MAN B . -26.89 -19.92 -36.09
O3 MAN B . -28.15 -17.60 -35.24
O4 MAN B . -28.71 -18.40 -32.51
O5 MAN B . -26.07 -20.66 -33.51
O6 MAN B . -26.80 -21.85 -31.10
H2 MAN B . -25.61 -18.33 -35.83
H3 MAN B . -26.67 -17.46 -33.84
H4 MAN B . -28.59 -19.81 -34.00
H5 MAN B . -26.42 -19.34 -31.94
H61 MAN B . -28.32 -21.66 -32.48
H62 MAN B . -28.39 -20.55 -31.12
HO2 MAN B . -26.61 -20.84 -35.89
HO3 MAN B . -27.94 -17.83 -36.18
HO4 MAN B . -28.62 -17.45 -32.71
HO6 MAN B . -25.88 -21.55 -31.29
C1 NAG C . -12.60 -15.59 16.48
C2 NAG C . -12.02 -16.82 17.15
C3 NAG C . -12.78 -18.06 16.75
C4 NAG C . -14.26 -17.85 17.02
C5 NAG C . -14.72 -16.53 16.41
C6 NAG C . -16.20 -16.20 16.67
C7 NAG C . -9.70 -17.19 17.70
C8 NAG C . -8.29 -17.30 17.20
N2 NAG C . -10.63 -16.92 16.78
O3 NAG C . -12.28 -19.16 17.46
O4 NAG C . -15.04 -18.87 16.43
O5 NAG C . -13.95 -15.47 16.88
O6 NAG C . -16.44 -16.18 18.05
O7 NAG C . -9.98 -17.37 18.88
H2 NAG C . -12.07 -16.67 18.24
H3 NAG C . -12.63 -18.22 15.68
H4 NAG C . -14.42 -17.86 18.10
H5 NAG C . -14.57 -16.58 15.33
H61 NAG C . -16.81 -16.95 16.17
H62 NAG C . -16.44 -15.24 16.23
H81 NAG C . -7.90 -18.28 17.42
H82 NAG C . -7.68 -16.54 17.70
H83 NAG C . -8.27 -17.13 16.12
HN2 NAG C . -10.39 -16.97 15.80
HO3 NAG C . -11.56 -18.87 18.06
HO6 NAG C . -15.60 -16.37 18.52
C1 NAG C . -15.39 -20.04 17.15
C2 NAG C . -16.66 -20.70 16.64
C3 NAG C . -16.93 -21.99 17.40
C4 NAG C . -15.69 -22.87 17.38
C5 NAG C . -14.53 -22.07 17.95
C6 NAG C . -13.26 -22.89 18.09
C7 NAG C . -18.32 -19.11 15.83
C8 NAG C . -19.38 -18.12 16.21
N2 NAG C . -17.78 -19.79 16.83
O3 NAG C . -18.02 -22.66 16.83
O4 NAG C . -15.92 -24.05 18.14
O5 NAG C . -14.31 -20.94 17.11
O6 NAG C . -12.82 -23.29 16.81
O7 NAG C . -17.98 -19.27 14.66
H2 NAG C . -16.55 -20.88 15.58
H3 NAG C . -17.15 -21.73 18.43
H4 NAG C . -15.48 -23.13 16.35
H5 NAG C . -14.82 -21.71 18.94
H61 NAG C . -13.45 -23.75 18.72
H62 NAG C . -12.49 -22.28 18.56
H81 NAG C . -20.31 -18.39 15.72
H82 NAG C . -19.07 -17.12 15.89
H83 NAG C . -19.51 -18.13 17.29
HN2 NAG C . -18.14 -19.68 17.77
HO3 NAG C . -18.36 -22.15 16.07
HO4 NAG C . -16.84 -24.03 18.50
HO6 NAG C . -13.43 -22.95 16.13
C1 NAG D . 14.76 0.36 -25.49
C2 NAG D . 15.94 0.33 -26.45
C3 NAG D . 15.94 1.60 -27.27
C4 NAG D . 14.58 1.79 -27.93
C5 NAG D . 13.47 1.69 -26.88
C6 NAG D . 12.07 1.80 -27.48
C7 NAG D . 17.77 -0.94 -25.60
C8 NAG D . 19.21 -0.89 -25.25
N2 NAG D . 17.17 0.23 -25.72
O3 NAG D . 16.93 1.55 -28.27
O4 NAG D . 14.56 3.07 -28.51
O5 NAG D . 13.56 0.45 -26.22
O6 NAG D . 11.85 0.75 -28.38
O7 NAG D . 17.16 -2.02 -25.73
H2 NAG D . 15.84 -0.56 -27.08
H3 NAG D . 16.14 2.44 -26.60
H4 NAG D . 14.46 1.03 -28.70
H5 NAG D . 13.60 2.50 -26.16
H61 NAG D . 11.95 2.76 -27.97
H62 NAG D . 11.33 1.75 -26.68
H81 NAG D . 19.80 -1.38 -26.03
H82 NAG D . 19.38 -1.42 -24.30
H83 NAG D . 19.53 0.14 -25.15
HN2 NAG D . 17.42 1.00 -25.10
HO3 NAG D . 17.41 0.69 -28.21
HO6 NAG D . 12.66 0.18 -28.43
C1 NAG D . 14.34 2.97 -29.92
C2 NAG D . 13.94 4.38 -30.31
C3 NAG D . 13.66 4.38 -31.81
C4 NAG D . 14.91 3.89 -32.54
C5 NAG D . 15.45 2.59 -31.96
C6 NAG D . 16.82 2.26 -32.53
C7 NAG D . 12.99 5.75 -28.57
C8 NAG D . 11.78 6.13 -27.76
N2 NAG D . 12.81 4.86 -29.55
O3 NAG D . 13.33 5.69 -32.24
O4 NAG D . 14.61 3.68 -33.90
O5 NAG D . 15.56 2.68 -30.55
O6 NAG D . 17.82 2.75 -31.67
O7 NAG D . 14.09 6.24 -28.32
H2 NAG D . 14.79 5.04 -30.13
H3 NAG D . 12.82 3.72 -32.00
H4 NAG D . 15.68 4.66 -32.45
H5 NAG D . 14.76 1.79 -32.22
H61 NAG D . 16.91 2.70 -33.53
H62 NAG D . 16.92 1.18 -32.64
H81 NAG D . 11.62 7.20 -27.85
H82 NAG D . 11.95 5.88 -26.72
H83 NAG D . 10.92 5.59 -28.14
HN2 NAG D . 11.88 4.69 -29.91
HO3 NAG D . 13.36 6.30 -31.47
HO6 NAG D . 17.41 3.19 -30.90
C1 BMA D . 15.15 4.77 -34.66
C2 BMA D . 15.47 4.16 -36.02
C3 BMA D . 16.10 5.20 -36.94
C4 BMA D . 15.22 6.45 -36.98
C5 BMA D . 14.84 6.94 -35.60
C6 BMA D . 13.84 8.09 -35.69
O2 BMA D . 14.27 3.67 -36.61
O3 BMA D . 16.26 4.68 -38.27
O4 BMA D . 15.95 7.48 -37.66
O5 BMA D . 14.27 5.88 -34.82
O6 BMA D . 13.34 8.44 -34.39
H2 BMA D . 16.19 3.34 -35.88
H3 BMA D . 17.08 5.49 -36.53
H5 BMA D . 15.74 7.31 -35.09
H61 BMA D . 13.00 7.78 -36.33
H62 BMA D . 14.31 8.95 -36.16
HO2 BMA D . 13.87 3.02 -36.02
HO3 BMA D . 16.81 3.89 -38.24
HO4 BMA D . 16.21 7.16 -38.53
HO6 BMA D . 12.54 8.97 -34.48
C2 BGC E . -7.24 -7.94 -26.47
C3 BGC E . -7.05 -9.24 -27.17
C4 BGC E . -8.41 -9.80 -27.49
C5 BGC E . -9.14 -8.80 -28.35
C6 BGC E . -10.53 -9.27 -28.63
C1 BGC E . -7.92 -7.05 -27.46
O1 BGC E . -8.02 -5.81 -26.91
O2 BGC E . -6.02 -7.39 -26.12
O3 BGC E . -6.38 -10.08 -26.32
O4 BGC E . -8.28 -11.02 -28.11
O5 BGC E . -9.18 -7.56 -27.75
O6 BGC E . -11.26 -9.45 -27.47
C1 GLC F . 8.57 -5.14 -22.78
C2 GLC F . 8.85 -5.05 -21.31
C3 GLC F . 7.51 -5.10 -20.60
C4 GLC F . 6.65 -3.95 -21.06
C5 GLC F . 6.59 -3.85 -22.56
C6 GLC F . 5.99 -2.49 -22.91
O1 GLC F . 7.77 -6.32 -22.96
O2 GLC F . 9.66 -6.17 -20.94
O3 GLC F . 7.70 -4.96 -19.20
O4 GLC F . 5.33 -4.11 -20.54
O5 GLC F . 7.88 -3.96 -23.16
O6 GLC F . 5.72 -2.45 -24.30
H1 GLC F . 9.53 -5.23 -23.33
H2 GLC F . 9.35 -4.10 -21.08
H3 GLC F . 7.00 -6.05 -20.83
H4 GLC F . 7.08 -3.01 -20.67
H5 GLC F . 5.92 -4.64 -22.94
H61 GLC F . 6.70 -1.70 -22.64
H62 GLC F . 5.07 -2.33 -22.34
HO1 GLC F . 7.53 -6.41 -23.89
HO2 GLC F . 10.50 -6.11 -21.42
HO3 GLC F . 8.25 -5.68 -18.87
HO4 GLC F . 5.38 -4.17 -19.57
HO6 GLC F . 5.99 -3.29 -24.70
C2 BGC G . -16.77 14.47 9.82
C3 BGC G . -15.94 14.51 11.06
C4 BGC G . -15.49 15.91 11.34
C5 BGC G . -16.68 16.81 11.35
C6 BGC G . -16.25 18.21 11.60
C1 BGC G . -17.85 15.51 9.93
O1 BGC G . -18.61 15.52 8.78
O2 BGC G . -17.35 13.23 9.72
O3 BGC G . -14.85 13.70 10.90
O4 BGC G . -14.86 15.93 12.57
O5 BGC G . -17.29 16.75 10.13
O6 BGC G . -16.71 18.57 12.85
C2 BGC H . 19.40 -2.62 -21.04
C3 BGC H . 20.81 -3.00 -20.73
C4 BGC H . 21.25 -2.50 -19.37
C5 BGC H . 20.21 -2.83 -18.32
C6 BGC H . 20.50 -2.16 -17.01
C1 BGC H . 18.47 -2.89 -19.90
O1 BGC H . 17.26 -2.27 -20.18
O2 BGC H . 18.97 -3.34 -22.13
O3 BGC H . 21.61 -2.48 -21.73
O4 BGC H . 22.50 -3.02 -19.01
O5 BGC H . 18.98 -2.34 -18.74
O6 BGC H . 20.58 -0.75 -17.14
C1 3LV I . 1.45 5.24 -10.52
O1 3LV I . 2.69 5.07 -10.34
C2 3LV I . 0.65 4.07 -10.94
O2 3LV I . 0.86 6.35 -10.36
C3 3LV I . -0.70 4.20 -11.14
C4 3LV I . -1.44 3.08 -11.53
C5 3LV I . -0.75 1.87 -11.70
N5 3LV I . -1.56 0.69 -12.07
C6 3LV I . 0.60 1.74 -11.48
C7 3LV I . 1.32 2.87 -11.10
C8 3LV I . -2.92 3.21 -11.75
N8 3LV I . -3.34 3.68 -13.09
C9 3LV I . -4.82 3.78 -13.15
C10 3LV I . -5.48 3.67 -14.49
C11 3LV I . -6.99 3.66 -14.50
C12 3LV I . -2.76 4.99 -13.42
C13 3LV I . -3.39 6.26 -12.83
C14 3LV I . -2.51 7.48 -12.72
C15 3LV I . -2.26 0.26 -13.23
O15 3LV I . -2.34 0.97 -14.26
C16 3LV I . -2.93 -1.02 -12.99
C17 3LV I . -2.90 -1.17 -11.49
C18 3LV I . -1.71 -0.36 -11.04
C19 3LV I . -0.50 -1.26 -11.00
O19 3LV I . -0.09 -1.75 -12.24
C20 3LV I . -1.82 0.24 -9.69
O20 3LV I . -2.86 1.10 -9.46
H3 3LV I . -1.13 5.06 -11.03
H6 3LV I . 1.03 0.90 -11.59
H7 3LV I . 2.27 2.80 -10.94
H8 3LV I . -3.32 2.35 -11.59
H8A 3LV I . -3.27 3.82 -11.10
H9 3LV I . -5.06 4.65 -12.77
H9A 3LV I . -5.19 3.08 -12.57
H10 3LV I . -5.18 4.43 -15.03
H10A 3LV I . -5.16 2.86 -14.92
H11 3LV I . -7.32 4.49 -14.10
H11A 3LV I . -7.32 3.57 -15.42
H11B 3LV I . -7.31 2.90 -13.97
H12 3LV I . -1.84 4.97 -13.12
H12A 3LV I . -2.75 5.06 -14.40
H13 3LV I . -4.17 6.49 -13.39
H13A 3LV I . -3.72 6.04 -11.95
H14 3LV I . -2.03 7.47 -11.86
H14A 3LV I . -3.06 8.28 -12.77
H14B 3LV I . -1.86 7.48 -13.45
H16 3LV I . -3.83 -0.97 -13.31
H16A 3LV I . -2.44 -1.74 -13.42
H17 3LV I . -3.72 -0.84 -11.08
H17A 3LV I . -2.77 -2.11 -11.26
H19 3LV I . 0.24 -0.76 -10.62
H19A 3LV I . -0.69 -2.01 -10.42
HO19 3LV I . 0.45 -2.45 -12.12
H20 3LV I . -1.92 -0.50 -9.05
H20A 3LV I . -0.99 0.70 -9.49
HO20 3LV I . -3.15 1.02 -8.63
P PO4 J . 0.54 3.04 -18.58
O1 PO4 J . -0.41 2.85 -19.74
O2 PO4 J . -0.20 2.82 -17.27
O3 PO4 J . 1.65 2.05 -18.66
O4 PO4 J . 1.12 4.44 -18.65
CA CA K . -4.62 13.31 -5.64
CA CA L . 25.00 -15.39 -13.44
K K M . 6.42 -13.39 11.78
#